data_6RLN
#
_entry.id   6RLN
#
_cell.length_a   101.840
_cell.length_b   130.790
_cell.length_c   48.830
_cell.angle_alpha   90.00
_cell.angle_beta   90.00
_cell.angle_gamma   90.00
#
_symmetry.space_group_name_H-M   'P 21 21 21'
#
loop_
_entity.id
_entity.type
_entity.pdbx_description
1 polymer 'Receptor-interacting serine/threonine-protein kinase 1'
2 non-polymer ~{N}-[(3~{S})-7,9-bis(fluoranyl)-2-oxidanylidene-1,3,4,5-tetrahydro-1-benzazepin-3-yl]-3-(phenylmethyl)-1~{H}-1,2,4-triazole-5-carboxamide
3 water water
#
_entity_poly.entity_id   1
_entity_poly.type   'polypeptide(L)'
_entity_poly.pdbx_seq_one_letter_code
;MDYKDDDDKMQPDMSLNVIKMKSSDFLESAELDSGGFGKVSLAFHRTQGLMIMKTVYKGPNCIEHNEALLEEAKMMNRLR
HSRVVKLLGVIIEEGKYSLVMEYMEKGNLMHVLKAEMSTPLSVKGRIILEIIEGMAYLHGKGVIHKDLKPENILVDNDFH
IKIADLGLASFKMWSKLNNEEHNELREVDGTAKKNGGTLYYMAPEHLNDVNAKPTEKSDVYSFAVVLWAIFANKEPYENA
IAEQQLIMAIKSGNRPDVDDITEYCPREIISLMKLCWEANPEARPTFPGIEEKFRPFYLSQLE
;
_entity_poly.pdbx_strand_id   A,B
#
loop_
_chem_comp.id
_chem_comp.type
_chem_comp.name
_chem_comp.formula
K8K non-polymer ~{N}-[(3~{S})-7,9-bis(fluoranyl)-2-oxidanylidene-1,3,4,5-tetrahydro-1-benzazepin-3-yl]-3-(phenylmethyl)-1~{H}-1,2,4-triazole-5-carboxamide 'C20 H17 F2 N5 O2'
#
# COMPACT_ATOMS: atom_id res chain seq x y z
N ASN A 17 -7.45 -10.24 13.58
CA ASN A 17 -8.92 -10.28 13.53
C ASN A 17 -9.57 -9.09 14.30
N VAL A 18 -10.93 -9.04 14.31
CA VAL A 18 -11.73 -8.00 15.00
C VAL A 18 -11.98 -8.37 16.49
N ILE A 19 -12.34 -7.36 17.30
CA ILE A 19 -12.65 -7.57 18.72
C ILE A 19 -14.18 -7.59 18.90
N LYS A 20 -14.68 -8.45 19.80
CA LYS A 20 -16.10 -8.56 20.11
C LYS A 20 -16.33 -7.81 21.47
N MET A 21 -15.91 -6.54 21.52
CA MET A 21 -15.95 -5.64 22.68
C MET A 21 -17.28 -5.60 23.46
N LYS A 22 -17.16 -5.49 24.82
CA LYS A 22 -18.25 -5.42 25.79
C LYS A 22 -18.41 -3.96 26.20
N SER A 23 -19.64 -3.52 26.51
CA SER A 23 -19.92 -2.14 26.90
C SER A 23 -19.13 -1.70 28.14
N SER A 24 -18.89 -2.66 29.07
CA SER A 24 -18.16 -2.53 30.34
C SER A 24 -16.75 -1.95 30.20
N ASP A 25 -16.02 -2.37 29.14
CA ASP A 25 -14.64 -1.96 28.81
C ASP A 25 -14.46 -0.46 28.64
N PHE A 26 -15.56 0.24 28.32
CA PHE A 26 -15.60 1.67 28.08
C PHE A 26 -16.05 2.44 29.30
N LEU A 27 -15.11 3.25 29.84
CA LEU A 27 -15.31 4.10 31.02
C LEU A 27 -16.04 5.38 30.62
N GLU A 28 -17.19 5.66 31.27
CA GLU A 28 -18.11 6.79 31.06
C GLU A 28 -17.44 8.11 30.60
N LYS A 39 -26.42 6.88 16.72
CA LYS A 39 -25.91 7.44 17.97
C LYS A 39 -24.38 7.41 18.01
N VAL A 40 -23.76 8.54 17.70
CA VAL A 40 -22.32 8.67 17.68
C VAL A 40 -21.85 9.36 18.97
N SER A 41 -20.74 8.87 19.56
CA SER A 41 -20.14 9.33 20.81
C SER A 41 -18.67 8.88 20.98
N LEU A 42 -17.89 9.58 21.86
CA LEU A 42 -16.50 9.22 22.18
C LEU A 42 -16.46 8.29 23.38
N ALA A 43 -15.48 7.35 23.44
CA ALA A 43 -15.36 6.39 24.55
C ALA A 43 -13.95 5.84 24.77
N PHE A 44 -13.53 5.77 26.05
CA PHE A 44 -12.21 5.32 26.46
C PHE A 44 -12.12 3.84 26.75
N HIS A 45 -11.29 3.12 26.00
CA HIS A 45 -11.04 1.72 26.25
C HIS A 45 -10.03 1.65 27.38
N ARG A 46 -10.25 0.70 28.30
CA ARG A 46 -9.38 0.48 29.46
C ARG A 46 -7.93 0.17 29.05
N THR A 47 -7.76 -0.67 28.03
CA THR A 47 -6.42 -1.07 27.59
C THR A 47 -6.00 -0.40 26.27
N GLN A 48 -6.86 -0.48 25.24
CA GLN A 48 -6.60 0.02 23.88
C GLN A 48 -6.43 1.54 23.77
N GLY A 49 -7.30 2.31 24.43
CA GLY A 49 -7.19 3.76 24.43
C GLY A 49 -8.38 4.49 23.89
N LEU A 50 -8.14 5.62 23.19
CA LEU A 50 -9.21 6.45 22.62
C LEU A 50 -9.82 5.89 21.35
N MET A 51 -11.16 5.98 21.27
CA MET A 51 -11.97 5.46 20.19
C MET A 51 -13.26 6.25 19.97
N ILE A 52 -13.80 6.16 18.74
CA ILE A 52 -15.09 6.73 18.34
C ILE A 52 -16.00 5.54 18.15
N MET A 53 -17.29 5.73 18.38
CA MET A 53 -18.29 4.66 18.31
C MET A 53 -19.63 5.17 17.82
N LYS A 54 -20.30 4.37 17.00
CA LYS A 54 -21.64 4.67 16.56
C LYS A 54 -22.48 3.48 16.92
N THR A 55 -23.32 3.65 17.95
CA THR A 55 -24.25 2.63 18.39
C THR A 55 -25.47 2.78 17.50
N VAL A 56 -25.62 1.86 16.54
CA VAL A 56 -26.66 1.90 15.51
C VAL A 56 -28.00 1.39 16.02
N TYR A 57 -27.99 0.35 16.87
CA TYR A 57 -29.19 -0.30 17.39
C TYR A 57 -29.41 -0.13 18.91
N LYS A 58 -30.70 -0.06 19.29
CA LYS A 58 -31.24 0.06 20.64
C LYS A 58 -32.69 -0.49 20.66
N GLY A 59 -33.17 -0.89 21.84
CA GLY A 59 -34.53 -1.36 22.05
C GLY A 59 -34.72 -2.86 22.14
N PRO A 60 -35.52 -3.45 21.23
CA PRO A 60 -35.76 -4.91 21.27
C PRO A 60 -34.57 -5.74 20.80
N ASN A 61 -34.61 -7.07 21.00
CA ASN A 61 -33.54 -7.95 20.55
C ASN A 61 -33.89 -8.55 19.17
N CYS A 62 -32.86 -8.70 18.31
CA CYS A 62 -33.00 -9.28 16.98
C CYS A 62 -31.78 -10.17 16.67
N ILE A 63 -31.71 -11.30 17.40
CA ILE A 63 -30.64 -12.30 17.35
C ILE A 63 -30.57 -13.07 16.00
N GLU A 64 -31.59 -12.92 15.13
CA GLU A 64 -31.67 -13.54 13.81
C GLU A 64 -30.61 -12.98 12.82
N HIS A 65 -30.22 -11.71 13.00
CA HIS A 65 -29.21 -11.03 12.17
C HIS A 65 -27.80 -11.10 12.80
N ASN A 66 -27.72 -11.39 14.13
CA ASN A 66 -26.51 -11.45 14.96
C ASN A 66 -25.40 -12.35 14.44
N GLU A 67 -25.73 -13.30 13.58
CA GLU A 67 -24.70 -14.16 13.01
C GLU A 67 -23.97 -13.42 11.88
N ALA A 68 -24.76 -12.75 11.01
CA ALA A 68 -24.29 -11.99 9.86
C ALA A 68 -23.53 -10.75 10.27
N LEU A 69 -24.09 -9.93 11.21
CA LEU A 69 -23.51 -8.68 11.69
C LEU A 69 -22.07 -8.83 12.14
N LEU A 70 -21.78 -9.94 12.82
CA LEU A 70 -20.43 -10.29 13.23
C LEU A 70 -19.56 -10.60 11.99
N GLU A 71 -20.08 -11.40 11.03
CA GLU A 71 -19.36 -11.79 9.80
C GLU A 71 -19.01 -10.60 8.87
N GLU A 72 -19.94 -9.62 8.75
CA GLU A 72 -19.75 -8.41 7.95
C GLU A 72 -18.62 -7.63 8.58
N ALA A 73 -18.66 -7.50 9.93
CA ALA A 73 -17.67 -6.79 10.72
C ALA A 73 -16.27 -7.39 10.62
N LYS A 74 -16.12 -8.73 10.69
CA LYS A 74 -14.80 -9.35 10.62
C LYS A 74 -14.19 -9.32 9.22
N MET A 75 -15.02 -9.16 8.17
CA MET A 75 -14.54 -9.07 6.79
C MET A 75 -14.21 -7.61 6.39
N MET A 76 -14.89 -6.63 7.05
CA MET A 76 -14.63 -5.21 6.87
C MET A 76 -13.28 -4.90 7.53
N ASN A 77 -13.00 -5.64 8.63
CA ASN A 77 -11.79 -5.61 9.43
C ASN A 77 -10.61 -6.22 8.65
N ARG A 78 -10.90 -6.98 7.58
CA ARG A 78 -9.86 -7.58 6.72
C ARG A 78 -9.11 -6.51 5.92
N LEU A 79 -9.75 -5.34 5.70
CA LEU A 79 -9.23 -4.18 4.97
C LEU A 79 -8.22 -3.42 5.85
N ARG A 80 -6.93 -3.73 5.65
CA ARG A 80 -5.84 -3.19 6.46
C ARG A 80 -4.82 -2.42 5.64
N HIS A 81 -5.00 -1.10 5.62
CA HIS A 81 -4.14 -0.16 4.89
C HIS A 81 -3.98 1.08 5.73
N SER A 82 -2.80 1.74 5.63
CA SER A 82 -2.43 2.98 6.34
C SER A 82 -3.38 4.15 6.06
N ARG A 83 -4.03 4.18 4.88
CA ARG A 83 -4.95 5.24 4.47
C ARG A 83 -6.43 4.76 4.48
N VAL A 84 -6.71 3.64 5.14
CA VAL A 84 -8.08 3.09 5.23
C VAL A 84 -8.37 2.89 6.72
N VAL A 85 -9.48 3.49 7.20
CA VAL A 85 -9.96 3.42 8.59
C VAL A 85 -10.07 1.96 9.04
N LYS A 86 -9.58 1.67 10.26
CA LYS A 86 -9.65 0.32 10.81
C LYS A 86 -10.82 0.16 11.77
N LEU A 87 -11.69 -0.81 11.47
CA LEU A 87 -12.81 -1.17 12.34
C LEU A 87 -12.15 -1.90 13.50
N LEU A 88 -12.00 -1.21 14.65
CA LEU A 88 -11.33 -1.79 15.83
C LEU A 88 -12.12 -2.91 16.49
N GLY A 89 -13.45 -2.75 16.60
CA GLY A 89 -14.31 -3.75 17.22
C GLY A 89 -15.81 -3.52 17.11
N VAL A 90 -16.59 -4.46 17.63
CA VAL A 90 -18.04 -4.41 17.62
C VAL A 90 -18.62 -4.68 19.03
N ILE A 91 -19.63 -3.88 19.45
CA ILE A 91 -20.36 -4.08 20.71
C ILE A 91 -21.61 -4.81 20.27
N ILE A 92 -21.69 -6.12 20.52
CA ILE A 92 -22.84 -6.93 20.11
C ILE A 92 -23.50 -7.53 21.39
N GLU A 93 -24.54 -6.83 21.89
CA GLU A 93 -25.23 -7.21 23.12
C GLU A 93 -26.75 -7.34 22.97
N GLU A 94 -27.45 -7.68 24.08
CA GLU A 94 -28.91 -7.82 24.11
C GLU A 94 -29.59 -6.46 23.74
N GLY A 95 -30.04 -6.37 22.48
CA GLY A 95 -30.73 -5.19 21.94
C GLY A 95 -29.91 -3.91 21.86
N LYS A 96 -28.57 -4.01 21.82
CA LYS A 96 -27.64 -2.87 21.70
C LYS A 96 -26.44 -3.28 20.82
N TYR A 97 -26.35 -2.68 19.61
CA TYR A 97 -25.30 -2.95 18.61
C TYR A 97 -24.49 -1.70 18.23
N SER A 98 -23.16 -1.78 18.36
CA SER A 98 -22.28 -0.65 18.05
C SER A 98 -21.10 -1.02 17.18
N LEU A 99 -20.65 -0.02 16.38
CA LEU A 99 -19.46 -0.12 15.55
C LEU A 99 -18.42 0.90 16.06
N VAL A 100 -17.26 0.37 16.53
CA VAL A 100 -16.16 1.17 17.10
C VAL A 100 -14.90 1.17 16.15
N MET A 101 -14.27 2.35 15.98
CA MET A 101 -13.10 2.60 15.10
C MET A 101 -12.09 3.53 15.75
N GLU A 102 -10.91 3.72 15.12
CA GLU A 102 -9.89 4.59 15.70
C GLU A 102 -10.25 6.07 15.59
N TYR A 103 -9.80 6.85 16.57
CA TYR A 103 -10.04 8.28 16.65
C TYR A 103 -9.15 8.99 15.66
N MET A 104 -9.77 9.89 14.86
CA MET A 104 -9.12 10.75 13.86
C MET A 104 -9.37 12.15 14.36
N GLU A 105 -8.40 12.63 15.15
CA GLU A 105 -8.32 13.88 15.90
C GLU A 105 -8.81 15.16 15.22
N LYS A 106 -8.45 15.36 13.93
CA LYS A 106 -8.71 16.57 13.14
C LYS A 106 -10.03 16.56 12.33
N GLY A 107 -10.96 15.68 12.73
CA GLY A 107 -12.28 15.57 12.10
C GLY A 107 -12.25 15.04 10.68
N ASN A 108 -13.03 15.64 9.77
CA ASN A 108 -13.04 15.21 8.37
C ASN A 108 -12.26 16.17 7.47
N LEU A 109 -12.20 15.89 6.16
CA LEU A 109 -11.43 16.69 5.20
C LEU A 109 -12.00 18.10 5.04
N MET A 110 -13.32 18.24 4.82
CA MET A 110 -13.95 19.56 4.68
C MET A 110 -13.72 20.42 5.93
N HIS A 111 -13.80 19.80 7.10
CA HIS A 111 -13.56 20.46 8.36
C HIS A 111 -12.18 21.12 8.40
N VAL A 112 -11.16 20.37 8.00
CA VAL A 112 -9.76 20.78 7.95
C VAL A 112 -9.51 21.93 6.96
N LEU A 113 -10.23 21.91 5.81
CA LEU A 113 -10.10 22.92 4.73
C LEU A 113 -10.78 24.24 5.10
N LYS A 114 -11.97 24.19 5.70
CA LYS A 114 -12.72 25.38 6.10
C LYS A 114 -12.08 26.05 7.33
N ALA A 115 -11.34 25.26 8.14
CA ALA A 115 -10.66 25.70 9.35
C ALA A 115 -9.73 26.89 9.12
N GLU A 116 -9.63 27.77 10.15
CA GLU A 116 -8.87 29.02 10.23
C GLU A 116 -7.46 28.93 9.64
N MET A 117 -6.62 28.00 10.15
CA MET A 117 -5.26 27.79 9.67
C MET A 117 -5.25 27.21 8.24
N SER A 118 -4.68 27.98 7.28
CA SER A 118 -4.61 27.55 5.89
C SER A 118 -3.58 26.42 5.69
N THR A 119 -4.10 25.26 5.29
CA THR A 119 -3.41 24.01 5.00
C THR A 119 -2.55 24.23 3.71
N PRO A 120 -1.21 24.02 3.75
CA PRO A 120 -0.37 24.30 2.57
C PRO A 120 -0.43 23.31 1.41
N LEU A 121 -0.01 23.78 0.23
CA LEU A 121 0.08 23.07 -1.05
C LEU A 121 0.88 21.76 -0.94
N SER A 122 1.79 21.69 0.03
CA SER A 122 2.58 20.48 0.20
C SER A 122 1.81 19.45 1.01
N VAL A 123 0.91 19.89 1.93
CA VAL A 123 0.13 18.89 2.66
C VAL A 123 -1.08 18.48 1.80
N LYS A 124 -1.62 19.44 0.99
CA LYS A 124 -2.74 19.21 0.08
C LYS A 124 -2.41 18.10 -0.92
N GLY A 125 -1.27 18.22 -1.58
CA GLY A 125 -0.77 17.23 -2.53
C GLY A 125 -0.51 15.87 -1.90
N ARG A 126 -0.16 15.84 -0.61
CA ARG A 126 0.09 14.59 0.10
C ARG A 126 -1.24 13.95 0.45
N ILE A 127 -2.24 14.76 0.86
CA ILE A 127 -3.58 14.28 1.17
C ILE A 127 -4.13 13.63 -0.11
N ILE A 128 -3.97 14.31 -1.25
CA ILE A 128 -4.34 13.80 -2.57
C ILE A 128 -3.61 12.48 -2.87
N LEU A 129 -2.30 12.37 -2.61
CA LEU A 129 -1.62 11.08 -2.83
C LEU A 129 -2.15 9.96 -1.92
N GLU A 130 -2.35 10.26 -0.65
CA GLU A 130 -2.93 9.31 0.32
C GLU A 130 -4.33 8.81 -0.06
N ILE A 131 -5.23 9.71 -0.56
CA ILE A 131 -6.58 9.31 -1.02
C ILE A 131 -6.42 8.32 -2.18
N ILE A 132 -5.54 8.63 -3.16
CA ILE A 132 -5.25 7.75 -4.28
C ILE A 132 -4.76 6.36 -3.75
N GLU A 133 -3.81 6.35 -2.78
CA GLU A 133 -3.29 5.14 -2.17
C GLU A 133 -4.41 4.27 -1.52
N GLY A 134 -5.32 4.92 -0.79
CA GLY A 134 -6.40 4.25 -0.07
C GLY A 134 -7.45 3.65 -0.97
N MET A 135 -7.87 4.43 -1.97
CA MET A 135 -8.89 4.04 -2.96
C MET A 135 -8.40 2.89 -3.87
N ALA A 136 -7.11 2.94 -4.29
CA ALA A 136 -6.47 1.91 -5.11
C ALA A 136 -6.47 0.61 -4.33
N TYR A 137 -6.17 0.66 -3.02
CA TYR A 137 -6.19 -0.52 -2.17
C TYR A 137 -7.58 -1.18 -2.18
N LEU A 138 -8.65 -0.40 -1.87
CA LEU A 138 -10.03 -0.86 -1.81
C LEU A 138 -10.44 -1.51 -3.11
N HIS A 139 -10.20 -0.82 -4.23
CA HIS A 139 -10.46 -1.34 -5.57
C HIS A 139 -9.67 -2.62 -5.80
N GLY A 140 -8.49 -2.72 -5.19
CA GLY A 140 -7.64 -3.89 -5.23
C GLY A 140 -8.40 -5.03 -4.59
N LYS A 141 -8.82 -4.81 -3.32
CA LYS A 141 -9.60 -5.75 -2.52
C LYS A 141 -11.05 -5.98 -3.03
N GLY A 142 -11.44 -5.31 -4.13
CA GLY A 142 -12.74 -5.44 -4.76
C GLY A 142 -13.84 -4.57 -4.18
N VAL A 143 -13.48 -3.69 -3.22
CA VAL A 143 -14.43 -2.78 -2.56
C VAL A 143 -14.64 -1.56 -3.46
N ILE A 144 -15.92 -1.20 -3.68
CA ILE A 144 -16.30 0.02 -4.38
C ILE A 144 -16.90 0.88 -3.28
N HIS A 145 -16.28 2.07 -3.02
CA HIS A 145 -16.76 2.95 -1.97
C HIS A 145 -18.22 3.30 -2.11
N LYS A 146 -18.61 3.76 -3.31
CA LYS A 146 -19.97 4.19 -3.68
C LYS A 146 -20.25 5.61 -3.14
N ASP A 147 -19.76 5.94 -1.94
CA ASP A 147 -20.03 7.25 -1.39
C ASP A 147 -18.81 7.97 -0.88
N LEU A 148 -17.87 8.23 -1.79
CA LEU A 148 -16.66 8.98 -1.47
C LEU A 148 -17.06 10.47 -1.47
N LYS A 149 -16.57 11.20 -0.47
CA LYS A 149 -16.85 12.62 -0.23
C LYS A 149 -15.97 13.06 0.96
N PRO A 150 -15.70 14.38 1.16
CA PRO A 150 -14.87 14.79 2.32
C PRO A 150 -15.34 14.31 3.70
N GLU A 151 -16.67 14.11 3.89
CA GLU A 151 -17.20 13.62 5.17
C GLU A 151 -16.68 12.22 5.51
N ASN A 152 -16.26 11.46 4.47
CA ASN A 152 -15.71 10.10 4.55
C ASN A 152 -14.17 10.05 4.46
N ILE A 153 -13.50 11.21 4.49
CA ILE A 153 -12.02 11.32 4.47
C ILE A 153 -11.64 11.97 5.77
N LEU A 154 -11.06 11.19 6.69
CA LEU A 154 -10.72 11.61 8.04
C LEU A 154 -9.26 11.91 8.23
N VAL A 155 -8.95 12.87 9.14
CA VAL A 155 -7.58 13.35 9.36
C VAL A 155 -7.06 13.16 10.78
N ASP A 156 -5.84 12.66 10.91
CA ASP A 156 -5.18 12.51 12.20
C ASP A 156 -4.40 13.82 12.54
N ASN A 157 -3.76 13.87 13.73
CA ASN A 157 -2.99 15.02 14.21
C ASN A 157 -1.86 15.43 13.27
N ASP A 158 -1.12 14.44 12.71
CA ASP A 158 -0.01 14.62 11.76
C ASP A 158 -0.49 15.02 10.37
N PHE A 159 -1.81 15.27 10.18
CA PHE A 159 -2.48 15.63 8.91
C PHE A 159 -2.51 14.48 7.85
N HIS A 160 -2.56 13.24 8.35
CA HIS A 160 -2.63 12.07 7.49
C HIS A 160 -4.07 11.62 7.37
N ILE A 161 -4.45 11.15 6.17
CA ILE A 161 -5.83 10.76 5.98
C ILE A 161 -6.06 9.22 6.02
N LYS A 162 -7.35 8.90 6.21
CA LYS A 162 -7.94 7.57 6.22
C LYS A 162 -9.33 7.71 5.56
N ILE A 163 -9.65 6.72 4.70
CA ILE A 163 -10.91 6.60 3.97
C ILE A 163 -11.84 5.86 4.91
N ALA A 164 -13.04 6.41 5.13
CA ALA A 164 -14.04 5.82 6.02
C ALA A 164 -15.37 5.52 5.30
N ASP A 165 -16.22 4.70 5.91
CA ASP A 165 -17.55 4.38 5.39
C ASP A 165 -18.60 4.62 6.50
N LEU A 166 -18.65 5.88 6.96
CA LEU A 166 -19.52 6.32 8.05
C LEU A 166 -21.01 6.07 7.82
N GLY A 167 -21.46 6.09 6.55
CA GLY A 167 -22.85 5.83 6.14
C GLY A 167 -23.20 4.37 5.91
N LEU A 168 -22.22 3.48 6.10
CA LEU A 168 -22.35 2.02 5.97
C LEU A 168 -22.83 1.57 4.59
N ALA A 169 -22.46 2.33 3.52
CA ALA A 169 -22.78 2.03 2.12
C ALA A 169 -22.21 0.67 1.72
N SER A 170 -21.10 0.26 2.36
CA SER A 170 -20.39 -1.00 2.13
C SER A 170 -20.72 -2.06 3.23
N PHE A 171 -21.24 -1.60 4.41
CA PHE A 171 -21.66 -2.45 5.55
C PHE A 171 -23.16 -2.73 5.32
N LYS A 172 -23.46 -3.53 4.29
CA LYS A 172 -24.80 -3.84 3.77
C LYS A 172 -25.84 -4.26 4.84
N MET A 173 -25.45 -5.13 5.79
CA MET A 173 -26.34 -5.61 6.86
C MET A 173 -26.59 -4.52 7.90
N TRP A 174 -25.52 -4.03 8.51
CA TRP A 174 -25.47 -2.99 9.52
C TRP A 174 -26.22 -1.73 9.11
N SER A 175 -26.16 -1.36 7.80
CA SER A 175 -26.80 -0.16 7.23
C SER A 175 -28.33 -0.15 7.32
N LYS A 176 -28.99 -1.31 7.05
CA LYS A 176 -30.45 -1.40 7.11
C LYS A 176 -30.91 -1.54 8.59
N LEU A 177 -30.08 -2.20 9.43
CA LEU A 177 -30.27 -2.35 10.88
C LEU A 177 -30.37 -0.93 11.47
N ASN A 178 -29.47 -0.04 11.02
CA ASN A 178 -29.37 1.37 11.39
C ASN A 178 -30.61 2.17 10.97
N ASN A 179 -31.22 1.81 9.82
CA ASN A 179 -32.39 2.50 9.23
C ASN A 179 -33.78 1.90 9.60
N GLU A 180 -33.82 0.69 10.21
CA GLU A 180 -35.03 -0.03 10.64
C GLU A 180 -35.93 0.78 11.63
N GLU A 181 -37.22 0.36 11.79
CA GLU A 181 -38.21 0.97 12.68
C GLU A 181 -38.06 0.60 14.18
N HIS A 182 -37.30 -0.48 14.49
CA HIS A 182 -37.06 -0.94 15.86
C HIS A 182 -35.91 -0.19 16.59
N ASN A 183 -35.49 0.97 16.05
CA ASN A 183 -34.42 1.83 16.59
C ASN A 183 -35.00 3.18 16.97
N GLU A 184 -34.50 3.78 18.07
CA GLU A 184 -34.99 5.09 18.54
C GLU A 184 -34.00 6.24 18.28
N LEU A 185 -33.93 6.69 17.00
CA LEU A 185 -33.11 7.80 16.50
C LEU A 185 -33.55 8.20 15.08
N GLY A 197 -27.28 13.89 3.04
CA GLY A 197 -27.03 13.12 1.82
C GLY A 197 -26.56 14.00 0.68
N THR A 198 -25.25 14.00 0.40
CA THR A 198 -24.68 14.84 -0.65
C THR A 198 -24.71 14.15 -2.01
N LEU A 199 -25.23 14.86 -3.02
CA LEU A 199 -25.34 14.45 -4.42
C LEU A 199 -24.19 15.07 -5.23
N TYR A 200 -23.47 16.03 -4.60
CA TYR A 200 -22.38 16.80 -5.18
C TYR A 200 -21.23 15.97 -5.73
N TYR A 201 -20.88 14.89 -5.02
CA TYR A 201 -19.78 14.02 -5.40
C TYR A 201 -20.23 12.82 -6.22
N MET A 202 -21.54 12.68 -6.48
CA MET A 202 -22.13 11.54 -7.18
C MET A 202 -22.07 11.62 -8.70
N ALA A 203 -21.54 10.54 -9.32
CA ALA A 203 -21.39 10.41 -10.77
C ALA A 203 -22.75 10.57 -11.51
N PRO A 204 -22.81 11.28 -12.68
CA PRO A 204 -24.12 11.53 -13.34
C PRO A 204 -24.95 10.27 -13.64
N GLU A 205 -24.28 9.13 -13.94
CA GLU A 205 -24.92 7.82 -14.20
C GLU A 205 -25.73 7.29 -12.99
N HIS A 206 -25.46 7.83 -11.76
CA HIS A 206 -26.16 7.43 -10.53
C HIS A 206 -27.29 8.35 -10.19
N LEU A 207 -27.20 9.63 -10.62
CA LEU A 207 -28.25 10.63 -10.42
C LEU A 207 -29.44 10.23 -11.31
N ASN A 208 -30.63 10.22 -10.73
CA ASN A 208 -31.87 9.85 -11.44
C ASN A 208 -31.86 8.40 -11.96
N ASP A 209 -30.97 7.54 -11.42
CA ASP A 209 -30.84 6.13 -11.81
C ASP A 209 -30.22 5.31 -10.67
N VAL A 210 -31.04 5.02 -9.67
CA VAL A 210 -30.72 4.25 -8.49
C VAL A 210 -30.55 2.76 -8.77
N ASN A 211 -30.95 2.25 -9.94
CA ASN A 211 -30.79 0.81 -10.17
C ASN A 211 -29.51 0.46 -10.92
N ALA A 212 -28.74 1.49 -11.32
CA ALA A 212 -27.44 1.32 -11.97
C ALA A 212 -26.42 0.81 -10.94
N LYS A 213 -25.70 -0.28 -11.26
CA LYS A 213 -24.68 -0.87 -10.37
C LYS A 213 -23.42 -0.01 -10.37
N PRO A 214 -22.95 0.45 -9.17
CA PRO A 214 -21.73 1.27 -9.10
C PRO A 214 -20.49 0.54 -9.60
N THR A 215 -19.60 1.27 -10.23
CA THR A 215 -18.37 0.73 -10.80
C THR A 215 -17.18 1.36 -10.06
N GLU A 216 -15.96 0.96 -10.44
CA GLU A 216 -14.75 1.56 -9.89
C GLU A 216 -14.70 3.05 -10.29
N LYS A 217 -15.28 3.41 -11.47
CA LYS A 217 -15.30 4.77 -12.00
C LYS A 217 -16.28 5.66 -11.29
N SER A 218 -17.22 5.07 -10.54
CA SER A 218 -18.19 5.84 -9.77
C SER A 218 -17.44 6.57 -8.65
N ASP A 219 -16.38 5.92 -8.13
CA ASP A 219 -15.51 6.44 -7.10
C ASP A 219 -14.55 7.50 -7.66
N VAL A 220 -14.18 7.34 -8.95
CA VAL A 220 -13.25 8.22 -9.65
C VAL A 220 -13.91 9.57 -9.90
N TYR A 221 -15.20 9.61 -10.30
CA TYR A 221 -15.88 10.91 -10.47
C TYR A 221 -15.84 11.65 -9.13
N SER A 222 -16.23 10.95 -8.01
CA SER A 222 -16.28 11.48 -6.64
C SER A 222 -14.97 12.12 -6.26
N PHE A 223 -13.85 11.41 -6.55
CA PHE A 223 -12.50 11.85 -6.27
C PHE A 223 -12.23 13.19 -6.92
N ALA A 224 -12.53 13.34 -8.24
CA ALA A 224 -12.34 14.60 -9.01
C ALA A 224 -13.01 15.80 -8.35
N VAL A 225 -14.19 15.62 -7.73
CA VAL A 225 -14.91 16.71 -7.04
C VAL A 225 -14.25 16.94 -5.64
N VAL A 226 -13.61 15.88 -5.08
CA VAL A 226 -12.87 16.00 -3.82
C VAL A 226 -11.56 16.80 -4.12
N LEU A 227 -11.01 16.65 -5.35
CA LEU A 227 -9.82 17.39 -5.80
C LEU A 227 -10.10 18.88 -5.78
N TRP A 228 -11.25 19.28 -6.37
CA TRP A 228 -11.77 20.64 -6.47
C TRP A 228 -12.01 21.21 -5.07
N ALA A 229 -12.65 20.42 -4.20
CA ALA A 229 -12.97 20.82 -2.83
C ALA A 229 -11.70 21.15 -2.02
N ILE A 230 -10.62 20.37 -2.22
CA ILE A 230 -9.32 20.55 -1.57
C ILE A 230 -8.73 21.91 -1.95
N PHE A 231 -8.84 22.28 -3.22
CA PHE A 231 -8.28 23.52 -3.72
C PHE A 231 -9.18 24.76 -3.58
N ALA A 232 -10.50 24.58 -3.52
CA ALA A 232 -11.42 25.71 -3.38
C ALA A 232 -11.82 25.98 -1.92
N ASN A 233 -11.52 25.04 -0.99
CA ASN A 233 -11.80 25.08 0.45
C ASN A 233 -13.27 25.39 0.79
N LYS A 234 -14.23 24.71 0.12
CA LYS A 234 -15.71 24.88 0.27
C LYS A 234 -16.46 23.82 -0.55
N GLU A 235 -17.80 23.74 -0.38
CA GLU A 235 -18.64 22.79 -1.13
C GLU A 235 -18.87 23.28 -2.57
N PRO A 236 -18.99 22.40 -3.59
CA PRO A 236 -19.23 22.89 -4.96
C PRO A 236 -20.69 23.28 -5.18
N TYR A 237 -20.99 23.86 -6.37
CA TYR A 237 -22.34 24.30 -6.81
C TYR A 237 -23.02 25.14 -5.72
N GLU A 238 -22.28 26.16 -5.22
CA GLU A 238 -22.67 27.04 -4.11
C GLU A 238 -22.86 26.21 -2.83
N ASN A 239 -24.07 26.11 -2.28
CA ASN A 239 -24.34 25.35 -1.07
C ASN A 239 -25.67 24.60 -1.15
N ALA A 240 -26.48 24.98 -2.16
CA ALA A 240 -27.81 24.44 -2.42
C ALA A 240 -27.95 24.06 -3.94
N ILE A 241 -28.99 23.29 -4.36
CA ILE A 241 -30.09 22.72 -3.56
C ILE A 241 -30.08 21.21 -3.63
N ALA A 242 -29.66 20.66 -4.79
CA ALA A 242 -29.62 19.24 -5.19
C ALA A 242 -31.05 18.79 -5.62
N GLU A 243 -31.73 19.73 -6.32
CA GLU A 243 -33.07 19.56 -6.89
C GLU A 243 -32.90 19.22 -8.36
N GLN A 244 -34.02 18.86 -9.02
CA GLN A 244 -34.05 18.47 -10.43
C GLN A 244 -33.32 19.41 -11.41
N GLN A 245 -33.17 20.70 -11.04
CA GLN A 245 -32.44 21.67 -11.86
C GLN A 245 -30.95 21.35 -11.82
N LEU A 246 -30.36 21.31 -10.59
CA LEU A 246 -28.93 20.99 -10.40
C LEU A 246 -28.59 19.67 -11.06
N ILE A 247 -29.37 18.62 -10.75
CA ILE A 247 -29.25 17.24 -11.26
C ILE A 247 -29.25 17.18 -12.80
N MET A 248 -30.18 17.89 -13.44
CA MET A 248 -30.23 17.87 -14.90
C MET A 248 -29.05 18.58 -15.52
N ALA A 249 -28.64 19.72 -14.92
CA ALA A 249 -27.46 20.48 -15.36
C ALA A 249 -26.21 19.60 -15.30
N ILE A 250 -26.09 18.77 -14.22
CA ILE A 250 -24.95 17.87 -14.01
C ILE A 250 -24.95 16.71 -15.03
N LYS A 251 -26.10 16.03 -15.20
CA LYS A 251 -26.24 14.91 -16.15
C LYS A 251 -25.97 15.31 -17.62
N SER A 252 -26.33 16.56 -17.98
CA SER A 252 -26.10 17.15 -19.29
C SER A 252 -24.61 17.37 -19.48
N GLY A 253 -23.90 17.76 -18.41
CA GLY A 253 -22.47 17.96 -18.48
C GLY A 253 -21.84 18.97 -17.52
N ASN A 254 -22.64 19.66 -16.71
CA ASN A 254 -22.12 20.64 -15.75
C ASN A 254 -21.25 20.03 -14.65
N ARG A 255 -20.12 20.70 -14.38
CA ARG A 255 -19.13 20.33 -13.38
C ARG A 255 -18.80 21.53 -12.46
N PRO A 256 -18.18 21.33 -11.26
CA PRO A 256 -17.87 22.49 -10.40
C PRO A 256 -17.09 23.63 -11.08
N ASP A 257 -17.29 24.89 -10.60
CA ASP A 257 -16.64 26.07 -11.18
C ASP A 257 -15.14 26.10 -10.89
N VAL A 258 -14.29 25.81 -11.90
CA VAL A 258 -12.83 25.82 -11.71
C VAL A 258 -12.34 27.21 -11.32
N ASP A 259 -12.93 28.25 -11.95
CA ASP A 259 -12.63 29.65 -11.74
C ASP A 259 -13.04 30.17 -10.34
N ASP A 260 -13.60 29.29 -9.48
CA ASP A 260 -13.95 29.64 -8.10
C ASP A 260 -12.82 29.27 -7.13
N ILE A 261 -11.76 28.64 -7.66
CA ILE A 261 -10.53 28.30 -6.93
C ILE A 261 -9.65 29.57 -7.02
N THR A 262 -9.63 30.35 -5.93
CA THR A 262 -8.86 31.59 -5.76
C THR A 262 -7.36 31.23 -5.65
N GLU A 263 -7.04 30.32 -4.71
CA GLU A 263 -5.76 29.72 -4.38
C GLU A 263 -5.04 29.10 -5.62
N TYR A 264 -3.70 29.00 -5.58
CA TYR A 264 -2.94 28.43 -6.70
C TYR A 264 -3.18 26.95 -6.83
N CYS A 265 -3.52 26.53 -8.04
CA CYS A 265 -3.72 25.13 -8.32
C CYS A 265 -2.86 24.71 -9.50
N PRO A 266 -1.91 23.78 -9.29
CA PRO A 266 -1.06 23.34 -10.41
C PRO A 266 -1.86 22.82 -11.61
N ARG A 267 -1.51 23.35 -12.79
CA ARG A 267 -2.08 23.01 -14.10
C ARG A 267 -2.47 21.52 -14.21
N GLU A 268 -1.54 20.63 -13.79
CA GLU A 268 -1.64 19.18 -13.83
C GLU A 268 -2.76 18.61 -13.01
N ILE A 269 -3.08 19.23 -11.85
CA ILE A 269 -4.14 18.67 -11.01
C ILE A 269 -5.56 19.14 -11.52
N ILE A 270 -5.60 20.21 -12.34
CA ILE A 270 -6.84 20.68 -12.94
C ILE A 270 -7.17 19.77 -14.11
N SER A 271 -6.13 19.32 -14.83
CA SER A 271 -6.23 18.39 -15.97
C SER A 271 -6.83 17.12 -15.42
N LEU A 272 -6.35 16.68 -14.22
CA LEU A 272 -6.74 15.48 -13.50
C LEU A 272 -8.20 15.52 -13.08
N MET A 273 -8.66 16.59 -12.39
CA MET A 273 -10.07 16.67 -11.99
C MET A 273 -11.00 16.65 -13.18
N LYS A 274 -10.63 17.32 -14.29
CA LYS A 274 -11.45 17.33 -15.51
C LYS A 274 -11.47 15.92 -16.10
N LEU A 275 -10.32 15.24 -16.09
CA LEU A 275 -10.16 13.88 -16.61
C LEU A 275 -11.00 12.86 -15.87
N CYS A 276 -11.01 12.96 -14.51
CA CYS A 276 -11.74 12.11 -13.59
C CYS A 276 -13.27 12.35 -13.57
N TRP A 277 -13.74 13.58 -13.86
CA TRP A 277 -15.18 13.85 -13.83
C TRP A 277 -15.82 13.83 -15.24
N GLU A 278 -15.18 13.12 -16.17
CA GLU A 278 -15.67 12.93 -17.53
C GLU A 278 -17.06 12.29 -17.52
N ALA A 279 -17.98 12.77 -18.38
CA ALA A 279 -19.35 12.25 -18.50
C ALA A 279 -19.38 10.72 -18.74
N ASN A 280 -18.45 10.21 -19.56
CA ASN A 280 -18.38 8.78 -19.83
C ASN A 280 -17.44 8.10 -18.84
N PRO A 281 -17.91 7.09 -18.06
CA PRO A 281 -17.02 6.41 -17.09
C PRO A 281 -15.78 5.76 -17.71
N GLU A 282 -15.89 5.23 -18.95
CA GLU A 282 -14.71 4.60 -19.57
C GLU A 282 -13.65 5.65 -19.99
N ALA A 283 -13.98 6.95 -19.89
CA ALA A 283 -13.00 8.00 -20.16
C ALA A 283 -12.12 8.23 -18.93
N ARG A 284 -12.74 8.16 -17.72
CA ARG A 284 -12.12 8.35 -16.41
C ARG A 284 -11.00 7.33 -16.14
N PRO A 285 -9.88 7.78 -15.53
CA PRO A 285 -8.77 6.85 -15.25
C PRO A 285 -9.08 5.90 -14.09
N THR A 286 -8.20 4.92 -13.86
CA THR A 286 -8.30 3.97 -12.76
C THR A 286 -7.44 4.57 -11.67
N PHE A 287 -7.67 4.21 -10.41
CA PHE A 287 -6.82 4.80 -9.38
C PHE A 287 -5.35 4.41 -9.55
N PRO A 288 -4.98 3.11 -9.86
CA PRO A 288 -3.55 2.79 -10.02
C PRO A 288 -2.90 3.56 -11.19
N GLY A 289 -3.72 3.91 -12.19
CA GLY A 289 -3.34 4.73 -13.34
C GLY A 289 -3.07 6.15 -12.91
N ILE A 290 -3.96 6.71 -12.04
CA ILE A 290 -3.85 8.04 -11.42
C ILE A 290 -2.54 8.06 -10.62
N GLU A 291 -2.32 7.04 -9.76
CA GLU A 291 -1.15 6.89 -8.88
C GLU A 291 0.15 6.98 -9.66
N GLU A 292 0.23 6.25 -10.80
CA GLU A 292 1.36 6.18 -11.72
C GLU A 292 1.79 7.57 -12.22
N LYS A 293 0.82 8.44 -12.53
CA LYS A 293 1.11 9.79 -13.01
C LYS A 293 1.20 10.84 -11.88
N PHE A 294 0.53 10.61 -10.75
CA PHE A 294 0.54 11.61 -9.69
C PHE A 294 1.73 11.51 -8.78
N ARG A 295 2.19 10.27 -8.48
CA ARG A 295 3.33 10.08 -7.57
C ARG A 295 4.60 10.82 -8.04
N PRO A 296 5.05 10.67 -9.31
CA PRO A 296 6.25 11.43 -9.74
C PRO A 296 6.06 12.93 -9.63
N PHE A 297 4.87 13.44 -10.01
CA PHE A 297 4.46 14.84 -9.96
C PHE A 297 4.52 15.41 -8.53
N TYR A 298 3.92 14.70 -7.56
CA TYR A 298 3.94 15.10 -6.16
C TYR A 298 5.41 15.27 -5.72
N LEU A 299 6.26 14.27 -6.03
CA LEU A 299 7.66 14.22 -5.63
C LEU A 299 8.47 15.41 -6.08
N SER A 300 8.49 15.68 -7.41
CA SER A 300 9.26 16.79 -7.95
C SER A 300 8.66 18.16 -7.62
N GLN A 301 7.37 18.39 -7.97
CA GLN A 301 6.68 19.68 -7.84
C GLN A 301 6.09 20.07 -6.48
N LEU A 302 5.56 19.13 -5.67
CA LEU A 302 4.85 19.52 -4.44
C LEU A 302 5.52 19.16 -3.10
N GLU A 303 6.24 18.02 -3.05
CA GLU A 303 6.94 17.55 -1.86
C GLU A 303 8.23 18.34 -1.71
N LEU B 16 -1.81 -1.43 -19.90
CA LEU B 16 -0.69 -1.47 -18.94
C LEU B 16 -0.03 -2.91 -18.80
N ASN B 17 -0.51 -3.88 -19.59
CA ASN B 17 0.08 -5.23 -19.65
C ASN B 17 1.60 -5.15 -19.98
N VAL B 18 2.37 -6.20 -19.65
CA VAL B 18 3.80 -6.31 -19.95
C VAL B 18 4.05 -6.30 -21.49
N ILE B 19 5.08 -5.56 -21.93
CA ILE B 19 5.45 -5.47 -23.34
C ILE B 19 6.14 -6.77 -23.83
N LYS B 20 5.89 -7.10 -25.11
CA LYS B 20 6.50 -8.22 -25.82
C LYS B 20 7.59 -7.52 -26.64
N MET B 21 8.61 -7.05 -25.92
CA MET B 21 9.76 -6.29 -26.44
C MET B 21 10.59 -7.06 -27.48
N LYS B 22 11.23 -6.29 -28.37
CA LYS B 22 12.09 -6.78 -29.47
C LYS B 22 13.40 -6.01 -29.38
N SER B 23 14.53 -6.63 -29.74
CA SER B 23 15.83 -5.95 -29.69
C SER B 23 15.92 -4.74 -30.65
N SER B 24 15.04 -4.71 -31.68
CA SER B 24 14.91 -3.63 -32.65
C SER B 24 14.38 -2.35 -31.95
N ASP B 25 13.66 -2.52 -30.81
CA ASP B 25 13.12 -1.41 -30.00
C ASP B 25 14.23 -0.62 -29.33
N PHE B 26 15.33 -1.31 -28.98
CA PHE B 26 16.51 -0.74 -28.34
C PHE B 26 17.61 -0.41 -29.35
N LEU B 27 18.16 0.80 -29.21
CA LEU B 27 19.22 1.34 -30.06
C LEU B 27 20.52 0.58 -29.84
N LYS B 39 24.21 -12.18 -18.02
CA LYS B 39 24.65 -11.02 -18.80
C LYS B 39 23.67 -9.81 -18.65
N VAL B 40 23.95 -8.95 -17.65
CA VAL B 40 23.16 -7.75 -17.33
C VAL B 40 23.75 -6.53 -18.01
N SER B 41 22.90 -5.79 -18.77
CA SER B 41 23.30 -4.62 -19.55
C SER B 41 22.21 -3.55 -19.61
N LEU B 42 22.62 -2.27 -19.71
CA LEU B 42 21.71 -1.13 -19.84
C LEU B 42 21.05 -1.11 -21.22
N ALA B 43 20.03 -0.25 -21.40
CA ALA B 43 19.30 -0.17 -22.66
C ALA B 43 18.45 1.09 -22.76
N PHE B 44 18.42 1.65 -23.99
CA PHE B 44 17.57 2.80 -24.28
C PHE B 44 16.56 2.38 -25.33
N HIS B 45 15.27 2.45 -24.96
CA HIS B 45 14.11 2.17 -25.77
C HIS B 45 13.87 3.46 -26.54
N ARG B 46 13.68 3.38 -27.87
CA ARG B 46 13.49 4.58 -28.68
C ARG B 46 12.25 5.39 -28.23
N THR B 47 11.15 4.70 -27.82
CA THR B 47 9.92 5.38 -27.39
C THR B 47 9.75 5.50 -25.88
N GLN B 48 10.30 4.56 -25.07
CA GLN B 48 10.11 4.58 -23.61
C GLN B 48 11.35 5.02 -22.78
N GLY B 49 12.54 5.03 -23.40
CA GLY B 49 13.74 5.52 -22.74
C GLY B 49 14.64 4.52 -22.04
N LEU B 50 15.36 5.00 -21.02
CA LEU B 50 16.34 4.24 -20.24
C LEU B 50 15.74 3.16 -19.30
N MET B 51 16.30 1.94 -19.43
CA MET B 51 15.93 0.74 -18.68
C MET B 51 17.21 -0.08 -18.42
N ILE B 52 17.02 -1.28 -17.87
CA ILE B 52 18.07 -2.26 -17.55
C ILE B 52 17.49 -3.65 -17.84
N MET B 53 18.33 -4.57 -18.30
CA MET B 53 17.87 -5.90 -18.63
C MET B 53 18.90 -6.99 -18.46
N LYS B 54 18.47 -8.13 -17.96
CA LYS B 54 19.34 -9.28 -17.86
C LYS B 54 18.95 -10.23 -18.96
N THR B 55 19.94 -10.73 -19.71
CA THR B 55 19.68 -11.76 -20.71
C THR B 55 19.85 -13.04 -19.93
N VAL B 56 18.78 -13.81 -19.88
CA VAL B 56 18.69 -15.05 -19.14
C VAL B 56 19.23 -16.19 -20.02
N TYR B 57 18.81 -16.19 -21.30
CA TYR B 57 19.20 -17.23 -22.24
C TYR B 57 19.71 -16.68 -23.56
N LYS B 58 20.74 -17.37 -24.07
CA LYS B 58 21.43 -17.15 -25.34
C LYS B 58 21.83 -18.57 -25.78
N GLY B 59 21.12 -19.11 -26.76
CA GLY B 59 21.38 -20.46 -27.26
C GLY B 59 20.32 -20.98 -28.19
N PRO B 60 20.17 -22.33 -28.34
CA PRO B 60 19.14 -22.85 -29.26
C PRO B 60 17.72 -22.48 -28.85
N ASN B 61 16.89 -22.14 -29.86
CA ASN B 61 15.49 -21.75 -29.67
C ASN B 61 14.68 -22.87 -28.98
N CYS B 62 13.67 -22.47 -28.18
CA CYS B 62 12.77 -23.37 -27.46
C CYS B 62 11.33 -22.82 -27.37
N ILE B 63 10.58 -22.95 -28.50
CA ILE B 63 9.19 -22.47 -28.69
C ILE B 63 8.14 -23.19 -27.79
N GLU B 64 8.55 -24.24 -27.05
CA GLU B 64 7.68 -25.00 -26.16
C GLU B 64 7.29 -24.17 -24.91
N HIS B 65 8.29 -23.59 -24.22
CA HIS B 65 8.14 -22.82 -23.00
C HIS B 65 7.81 -21.35 -23.21
N ASN B 66 7.86 -20.86 -24.46
CA ASN B 66 7.58 -19.46 -24.81
C ASN B 66 6.28 -18.90 -24.24
N GLU B 67 5.18 -19.66 -24.31
CA GLU B 67 3.87 -19.25 -23.81
C GLU B 67 3.81 -19.21 -22.27
N ALA B 68 4.54 -20.16 -21.61
CA ALA B 68 4.66 -20.28 -20.15
C ALA B 68 5.46 -19.12 -19.60
N LEU B 69 6.66 -18.88 -20.21
CA LEU B 69 7.60 -17.79 -19.89
C LEU B 69 6.92 -16.43 -19.98
N LEU B 70 6.00 -16.26 -20.96
CA LEU B 70 5.23 -15.02 -21.17
C LEU B 70 4.25 -14.81 -20.04
N GLU B 71 3.58 -15.90 -19.58
CA GLU B 71 2.63 -15.84 -18.50
C GLU B 71 3.29 -15.57 -17.16
N GLU B 72 4.46 -16.16 -16.94
CA GLU B 72 5.24 -15.89 -15.74
C GLU B 72 5.54 -14.37 -15.67
N ALA B 73 5.96 -13.78 -16.81
CA ALA B 73 6.24 -12.36 -16.92
C ALA B 73 4.98 -11.56 -16.65
N LYS B 74 3.87 -11.95 -17.32
CA LYS B 74 2.52 -11.36 -17.19
C LYS B 74 2.07 -11.32 -15.73
N MET B 75 2.26 -12.42 -14.96
CA MET B 75 1.83 -12.40 -13.56
C MET B 75 2.77 -11.60 -12.63
N MET B 76 4.10 -11.61 -12.89
CA MET B 76 5.07 -10.84 -12.11
C MET B 76 4.80 -9.36 -12.28
N ASN B 77 4.46 -8.94 -13.50
CA ASN B 77 4.08 -7.59 -13.86
C ASN B 77 2.83 -7.15 -13.04
N ARG B 78 1.91 -8.09 -12.72
CA ARG B 78 0.69 -7.84 -11.95
C ARG B 78 0.95 -7.48 -10.48
N LEU B 79 2.21 -7.52 -10.06
CA LEU B 79 2.62 -7.13 -8.70
C LEU B 79 3.04 -5.65 -8.76
N ARG B 80 2.04 -4.79 -8.61
CA ARG B 80 2.17 -3.35 -8.73
C ARG B 80 2.03 -2.69 -7.36
N HIS B 81 3.15 -2.30 -6.79
CA HIS B 81 3.20 -1.61 -5.51
C HIS B 81 4.29 -0.59 -5.58
N SER B 82 4.06 0.58 -4.94
CA SER B 82 5.02 1.69 -4.91
C SER B 82 6.45 1.25 -4.46
N ARG B 83 6.55 0.22 -3.60
CA ARG B 83 7.84 -0.27 -3.10
C ARG B 83 8.31 -1.62 -3.71
N VAL B 84 7.69 -2.08 -4.81
CA VAL B 84 8.16 -3.32 -5.44
C VAL B 84 8.49 -3.00 -6.89
N VAL B 85 9.53 -3.65 -7.41
CA VAL B 85 10.03 -3.49 -8.78
C VAL B 85 8.96 -3.94 -9.76
N LYS B 86 8.72 -3.08 -10.76
CA LYS B 86 7.81 -3.41 -11.84
C LYS B 86 8.67 -3.87 -13.04
N LEU B 87 8.36 -5.08 -13.54
CA LEU B 87 8.93 -5.71 -14.72
C LEU B 87 8.26 -4.98 -15.92
N LEU B 88 9.10 -4.43 -16.83
CA LEU B 88 8.60 -3.63 -17.95
C LEU B 88 8.27 -4.43 -19.19
N GLY B 89 9.16 -5.34 -19.55
CA GLY B 89 9.03 -6.17 -20.73
C GLY B 89 9.89 -7.42 -20.71
N VAL B 90 9.69 -8.22 -21.76
CA VAL B 90 10.33 -9.49 -22.02
C VAL B 90 10.85 -9.48 -23.46
N ILE B 91 12.09 -9.95 -23.69
CA ILE B 91 12.62 -10.06 -25.04
C ILE B 91 12.74 -11.54 -25.40
N ILE B 92 11.60 -12.11 -25.80
CA ILE B 92 11.44 -13.51 -26.16
C ILE B 92 11.67 -13.66 -27.72
N GLU B 93 12.92 -13.99 -28.11
CA GLU B 93 13.34 -14.07 -29.51
C GLU B 93 13.99 -15.41 -29.90
N GLU B 94 14.60 -15.47 -31.12
CA GLU B 94 15.26 -16.67 -31.66
C GLU B 94 16.55 -17.02 -30.90
N GLY B 95 16.34 -17.73 -29.80
CA GLY B 95 17.39 -18.21 -28.90
C GLY B 95 17.92 -17.19 -27.91
N LYS B 96 17.26 -16.02 -27.83
CA LYS B 96 17.64 -14.92 -26.93
C LYS B 96 16.43 -14.48 -26.06
N TYR B 97 16.51 -14.79 -24.74
CA TYR B 97 15.48 -14.53 -23.73
C TYR B 97 15.93 -13.49 -22.68
N SER B 98 15.22 -12.34 -22.59
CA SER B 98 15.59 -11.26 -21.68
C SER B 98 14.44 -10.69 -20.85
N LEU B 99 14.74 -10.29 -19.61
CA LEU B 99 13.81 -9.62 -18.71
C LEU B 99 14.29 -8.17 -18.54
N VAL B 100 13.38 -7.20 -18.78
CA VAL B 100 13.65 -5.75 -18.74
C VAL B 100 12.87 -5.11 -17.60
N MET B 101 13.56 -4.34 -16.74
CA MET B 101 12.96 -3.63 -15.60
C MET B 101 13.34 -2.14 -15.60
N GLU B 102 12.73 -1.36 -14.70
CA GLU B 102 13.09 0.06 -14.57
C GLU B 102 14.50 0.21 -13.97
N TYR B 103 15.22 1.26 -14.36
CA TYR B 103 16.59 1.48 -13.87
C TYR B 103 16.64 2.17 -12.50
N MET B 104 17.28 1.51 -11.51
CA MET B 104 17.42 2.06 -10.15
C MET B 104 18.82 2.68 -9.98
N GLU B 105 18.85 4.03 -10.09
CA GLU B 105 20.00 4.95 -10.10
C GLU B 105 21.06 4.70 -9.01
N LYS B 106 20.67 4.76 -7.71
CA LYS B 106 21.59 4.62 -6.58
C LYS B 106 22.11 3.19 -6.38
N GLY B 107 21.54 2.21 -7.07
CA GLY B 107 21.97 0.82 -6.97
C GLY B 107 21.29 0.09 -5.83
N ASN B 108 21.99 -0.89 -5.19
CA ASN B 108 21.41 -1.66 -4.10
C ASN B 108 21.72 -1.06 -2.73
N LEU B 109 20.92 -1.47 -1.72
CA LEU B 109 20.97 -0.99 -0.33
C LEU B 109 22.38 -0.94 0.27
N MET B 110 23.16 -2.02 0.07
CA MET B 110 24.53 -2.16 0.58
C MET B 110 25.49 -1.15 -0.05
N HIS B 111 25.32 -0.87 -1.34
CA HIS B 111 26.11 0.12 -2.04
C HIS B 111 25.81 1.52 -1.49
N VAL B 112 24.58 1.77 -1.06
CA VAL B 112 24.16 3.05 -0.46
C VAL B 112 24.68 3.19 0.99
N LEU B 113 24.62 2.10 1.78
CA LEU B 113 25.07 2.12 3.17
C LEU B 113 26.59 2.17 3.26
N LYS B 114 27.29 1.54 2.29
CA LYS B 114 28.77 1.49 2.25
C LYS B 114 29.35 2.73 1.57
N ALA B 115 28.49 3.57 0.93
CA ALA B 115 28.87 4.80 0.24
C ALA B 115 29.43 5.81 1.22
N GLU B 116 30.42 6.61 0.75
CA GLU B 116 31.10 7.66 1.51
C GLU B 116 30.13 8.66 2.17
N MET B 117 29.18 9.20 1.37
CA MET B 117 28.15 10.12 1.84
C MET B 117 27.24 9.34 2.82
N SER B 118 27.19 9.83 4.07
CA SER B 118 26.40 9.28 5.17
C SER B 118 24.90 9.44 4.88
N THR B 119 24.13 8.36 5.12
CA THR B 119 22.68 8.31 4.92
C THR B 119 22.00 8.58 6.29
N PRO B 120 21.26 9.71 6.45
CA PRO B 120 20.65 10.03 7.76
C PRO B 120 19.64 9.01 8.30
N LEU B 121 19.48 8.98 9.65
CA LEU B 121 18.56 8.10 10.41
C LEU B 121 17.08 8.30 9.98
N SER B 122 16.76 9.52 9.51
CA SER B 122 15.45 9.92 9.04
C SER B 122 15.11 9.08 7.79
N VAL B 123 16.02 9.12 6.79
CA VAL B 123 15.88 8.36 5.55
C VAL B 123 16.10 6.85 5.86
N LYS B 124 16.95 6.52 6.85
CA LYS B 124 17.17 5.13 7.26
C LYS B 124 15.86 4.48 7.76
N GLY B 125 15.15 5.19 8.63
CA GLY B 125 13.87 4.74 9.17
C GLY B 125 12.79 4.60 8.13
N ARG B 126 12.80 5.50 7.11
CA ARG B 126 11.86 5.53 5.98
C ARG B 126 12.09 4.28 5.15
N ILE B 127 13.36 4.04 4.74
CA ILE B 127 13.77 2.84 4.00
C ILE B 127 13.20 1.57 4.68
N ILE B 128 13.28 1.51 6.03
CA ILE B 128 12.76 0.39 6.82
C ILE B 128 11.28 0.27 6.59
N LEU B 129 10.56 1.39 6.77
CA LEU B 129 9.11 1.41 6.57
C LEU B 129 8.72 0.96 5.14
N GLU B 130 9.41 1.47 4.12
CA GLU B 130 9.16 1.08 2.72
C GLU B 130 9.48 -0.43 2.47
N ILE B 131 10.47 -1.03 3.20
CA ILE B 131 10.76 -2.47 3.07
C ILE B 131 9.58 -3.26 3.67
N ILE B 132 8.99 -2.76 4.79
CA ILE B 132 7.87 -3.43 5.43
C ILE B 132 6.65 -3.36 4.50
N GLU B 133 6.32 -2.14 4.00
CA GLU B 133 5.25 -1.88 3.03
C GLU B 133 5.37 -2.87 1.85
N GLY B 134 6.50 -2.79 1.13
CA GLY B 134 6.79 -3.66 0.00
C GLY B 134 6.63 -5.13 0.31
N MET B 135 7.26 -5.59 1.41
CA MET B 135 7.20 -6.99 1.84
C MET B 135 5.80 -7.43 2.25
N ALA B 136 5.04 -6.53 2.92
CA ALA B 136 3.68 -6.80 3.36
C ALA B 136 2.84 -7.01 2.14
N TYR B 137 2.97 -6.09 1.12
CA TYR B 137 2.28 -6.21 -0.17
C TYR B 137 2.47 -7.62 -0.79
N LEU B 138 3.72 -8.03 -1.05
CA LEU B 138 4.08 -9.33 -1.62
C LEU B 138 3.50 -10.52 -0.85
N HIS B 139 3.62 -10.47 0.49
CA HIS B 139 3.12 -11.52 1.37
C HIS B 139 1.61 -11.74 1.23
N GLY B 140 0.85 -10.64 1.35
CA GLY B 140 -0.60 -10.64 1.23
C GLY B 140 -1.11 -10.85 -0.18
N LYS B 141 -0.23 -11.38 -1.04
CA LYS B 141 -0.49 -11.71 -2.44
C LYS B 141 0.12 -13.10 -2.81
N GLY B 142 0.43 -13.92 -1.80
CA GLY B 142 0.91 -15.29 -1.99
C GLY B 142 2.37 -15.49 -2.36
N VAL B 143 3.10 -14.39 -2.63
CA VAL B 143 4.52 -14.51 -2.97
C VAL B 143 5.38 -14.37 -1.68
N ILE B 144 6.33 -15.31 -1.56
CA ILE B 144 7.37 -15.42 -0.53
C ILE B 144 8.63 -15.12 -1.30
N HIS B 145 9.42 -14.10 -0.90
CA HIS B 145 10.65 -13.77 -1.61
C HIS B 145 11.62 -14.95 -1.69
N LYS B 146 11.88 -15.60 -0.54
CA LYS B 146 12.77 -16.74 -0.33
C LYS B 146 14.26 -16.31 -0.31
N ASP B 147 14.54 -15.09 -0.79
CA ASP B 147 15.89 -14.57 -0.88
C ASP B 147 15.94 -13.08 -0.69
N LEU B 148 15.38 -12.62 0.42
CA LEU B 148 15.43 -11.19 0.70
C LEU B 148 16.76 -10.90 1.31
N LYS B 149 17.48 -9.95 0.73
CA LYS B 149 18.81 -9.48 1.12
C LYS B 149 18.98 -8.04 0.62
N PRO B 150 20.03 -7.30 1.07
CA PRO B 150 20.26 -5.92 0.58
C PRO B 150 20.47 -5.75 -0.92
N GLU B 151 21.00 -6.81 -1.61
CA GLU B 151 21.24 -6.80 -3.06
C GLU B 151 19.93 -6.75 -3.86
N ASN B 152 18.82 -7.21 -3.26
CA ASN B 152 17.48 -7.23 -3.87
C ASN B 152 16.58 -6.08 -3.32
N ILE B 153 17.22 -5.07 -2.72
CA ILE B 153 16.56 -3.89 -2.19
C ILE B 153 17.21 -2.74 -2.96
N LEU B 154 16.56 -2.31 -4.06
CA LEU B 154 17.06 -1.30 -4.98
C LEU B 154 16.64 0.09 -4.61
N VAL B 155 17.53 1.05 -4.87
CA VAL B 155 17.39 2.44 -4.47
C VAL B 155 17.34 3.40 -5.66
N ASP B 156 16.46 4.41 -5.59
CA ASP B 156 16.40 5.46 -6.61
C ASP B 156 17.14 6.70 -6.09
N ASN B 157 17.34 7.71 -6.98
CA ASN B 157 18.02 8.97 -6.71
C ASN B 157 17.46 9.73 -5.49
N ASP B 158 16.16 9.54 -5.18
CA ASP B 158 15.42 10.17 -4.09
C ASP B 158 15.48 9.39 -2.77
N PHE B 159 16.26 8.29 -2.76
CA PHE B 159 16.46 7.38 -1.61
C PHE B 159 15.17 6.62 -1.22
N HIS B 160 14.45 6.14 -2.24
CA HIS B 160 13.26 5.31 -2.06
C HIS B 160 13.61 3.89 -2.48
N ILE B 161 12.99 2.90 -1.88
CA ILE B 161 13.34 1.54 -2.21
C ILE B 161 12.26 0.81 -3.05
N LYS B 162 12.70 -0.26 -3.73
CA LYS B 162 11.92 -1.19 -4.53
C LYS B 162 12.50 -2.59 -4.30
N ILE B 163 11.62 -3.62 -4.04
CA ILE B 163 12.04 -5.02 -3.76
C ILE B 163 12.13 -5.72 -5.09
N ALA B 164 13.26 -6.40 -5.36
CA ALA B 164 13.53 -7.07 -6.63
C ALA B 164 13.82 -8.55 -6.44
N ASP B 165 13.62 -9.32 -7.50
CA ASP B 165 13.95 -10.74 -7.53
C ASP B 165 15.04 -10.94 -8.63
N LEU B 166 16.21 -10.27 -8.47
CA LEU B 166 17.31 -10.32 -9.44
C LEU B 166 17.90 -11.72 -9.66
N GLY B 167 17.79 -12.58 -8.65
CA GLY B 167 18.22 -13.97 -8.69
C GLY B 167 17.14 -14.93 -9.19
N LEU B 168 15.93 -14.40 -9.50
CA LEU B 168 14.78 -15.13 -10.05
C LEU B 168 14.21 -16.28 -9.20
N ALA B 169 14.24 -16.13 -7.85
CA ALA B 169 13.72 -17.08 -6.86
C ALA B 169 12.21 -17.34 -6.97
N SER B 170 11.46 -16.33 -7.44
CA SER B 170 10.00 -16.37 -7.61
C SER B 170 9.63 -16.36 -9.10
N PHE B 171 10.60 -16.73 -9.97
CA PHE B 171 10.43 -16.83 -11.42
C PHE B 171 10.77 -18.30 -11.78
N LYS B 172 9.83 -19.23 -11.52
CA LYS B 172 9.93 -20.69 -11.76
C LYS B 172 10.49 -21.08 -13.14
N MET B 173 9.82 -20.65 -14.21
CA MET B 173 10.14 -20.93 -15.61
C MET B 173 11.44 -20.26 -16.07
N TRP B 174 11.55 -18.94 -15.86
CA TRP B 174 12.73 -18.15 -16.21
C TRP B 174 13.95 -18.63 -15.46
N SER B 175 13.79 -19.12 -14.20
CA SER B 175 14.88 -19.69 -13.38
C SER B 175 15.33 -21.01 -14.03
N LYS B 176 14.36 -21.89 -14.36
CA LYS B 176 14.57 -23.17 -15.02
C LYS B 176 15.31 -22.97 -16.36
N LEU B 177 14.88 -21.95 -17.15
CA LEU B 177 15.48 -21.60 -18.44
C LEU B 177 16.95 -21.18 -18.31
N ASN B 178 17.27 -20.36 -17.30
CA ASN B 178 18.60 -19.84 -17.01
C ASN B 178 19.64 -20.93 -16.76
N ASN B 179 19.27 -21.93 -15.93
CA ASN B 179 20.13 -23.06 -15.53
C ASN B 179 20.30 -24.13 -16.62
N GLU B 180 19.44 -24.10 -17.67
CA GLU B 180 19.48 -25.02 -18.79
C GLU B 180 20.88 -25.14 -19.42
N GLU B 181 21.32 -26.41 -19.61
CA GLU B 181 22.60 -26.87 -20.16
C GLU B 181 23.03 -26.18 -21.48
N HIS B 182 22.08 -25.94 -22.41
CA HIS B 182 22.35 -25.34 -23.73
C HIS B 182 22.41 -23.79 -23.70
N ASN B 183 22.69 -23.21 -22.53
CA ASN B 183 22.80 -21.77 -22.38
C ASN B 183 24.26 -21.34 -22.52
N GLU B 184 24.54 -20.46 -23.49
CA GLU B 184 25.88 -19.91 -23.74
C GLU B 184 26.34 -19.05 -22.53
N LEU B 185 25.36 -18.49 -21.80
CA LEU B 185 25.58 -17.65 -20.62
C LEU B 185 25.62 -18.49 -19.34
N THR B 198 25.49 -14.46 1.10
CA THR B 198 24.13 -14.83 0.64
C THR B 198 23.40 -15.67 1.69
N LEU B 199 24.16 -16.47 2.46
CA LEU B 199 23.59 -17.28 3.51
C LEU B 199 23.52 -16.48 4.83
N TYR B 200 23.91 -15.20 4.80
CA TYR B 200 23.88 -14.28 5.94
C TYR B 200 22.41 -13.95 6.37
N TYR B 201 21.52 -13.83 5.36
CA TYR B 201 20.11 -13.45 5.53
C TYR B 201 19.14 -14.64 5.53
N MET B 202 19.69 -15.86 5.40
CA MET B 202 18.93 -17.10 5.37
C MET B 202 18.56 -17.58 6.77
N ALA B 203 17.27 -17.88 6.98
CA ALA B 203 16.74 -18.40 8.25
C ALA B 203 17.40 -19.74 8.59
N PRO B 204 17.82 -19.98 9.86
CA PRO B 204 18.55 -21.21 10.19
C PRO B 204 17.95 -22.52 9.66
N GLU B 205 16.62 -22.62 9.59
CA GLU B 205 15.92 -23.82 9.10
C GLU B 205 16.27 -24.22 7.66
N HIS B 206 16.77 -23.27 6.85
CA HIS B 206 17.14 -23.48 5.45
C HIS B 206 18.64 -23.73 5.30
N LEU B 207 19.42 -23.42 6.36
CA LEU B 207 20.86 -23.67 6.40
C LEU B 207 21.04 -25.19 6.63
N ASN B 208 21.78 -25.86 5.71
CA ASN B 208 22.02 -27.31 5.70
C ASN B 208 20.77 -28.17 5.43
N ASP B 209 19.59 -27.53 5.29
CA ASP B 209 18.36 -28.28 5.03
C ASP B 209 17.83 -28.04 3.63
N VAL B 210 18.10 -29.02 2.75
CA VAL B 210 17.70 -29.09 1.35
C VAL B 210 16.17 -29.12 1.22
N ASN B 211 15.50 -29.87 2.14
CA ASN B 211 14.05 -30.03 2.15
C ASN B 211 13.43 -29.41 3.42
N ALA B 212 13.19 -28.08 3.31
CA ALA B 212 12.56 -27.21 4.31
C ALA B 212 11.98 -26.08 3.49
N LYS B 213 10.66 -26.14 3.24
CA LYS B 213 9.93 -25.19 2.41
C LYS B 213 9.84 -23.81 3.04
N PRO B 214 10.21 -22.74 2.28
CA PRO B 214 10.15 -21.38 2.82
C PRO B 214 8.73 -20.96 3.13
N THR B 215 8.62 -20.07 4.10
CA THR B 215 7.37 -19.52 4.62
C THR B 215 7.56 -18.01 4.69
N GLU B 216 6.56 -17.28 5.18
CA GLU B 216 6.64 -15.83 5.32
C GLU B 216 7.64 -15.47 6.41
N LYS B 217 7.79 -16.36 7.41
CA LYS B 217 8.71 -16.25 8.54
C LYS B 217 10.19 -16.24 8.12
N SER B 218 10.50 -16.94 7.00
CA SER B 218 11.82 -17.00 6.39
C SER B 218 12.23 -15.59 5.90
N ASP B 219 11.27 -14.84 5.32
CA ASP B 219 11.45 -13.48 4.80
C ASP B 219 11.56 -12.45 5.90
N VAL B 220 11.02 -12.81 7.09
CA VAL B 220 11.03 -11.98 8.29
C VAL B 220 12.45 -12.06 8.91
N TYR B 221 12.99 -13.28 8.99
CA TYR B 221 14.34 -13.49 9.50
C TYR B 221 15.32 -12.58 8.71
N SER B 222 15.25 -12.70 7.36
CA SER B 222 16.02 -11.92 6.38
C SER B 222 15.89 -10.44 6.67
N PHE B 223 14.66 -9.97 6.94
CA PHE B 223 14.37 -8.57 7.27
C PHE B 223 15.17 -8.08 8.49
N ALA B 224 15.26 -8.93 9.58
CA ALA B 224 15.99 -8.63 10.81
C ALA B 224 17.48 -8.44 10.57
N VAL B 225 18.05 -9.24 9.63
CA VAL B 225 19.49 -9.20 9.32
C VAL B 225 19.80 -7.95 8.50
N VAL B 226 18.82 -7.54 7.67
CA VAL B 226 18.88 -6.34 6.81
C VAL B 226 18.84 -5.09 7.72
N LEU B 227 18.01 -5.17 8.80
CA LEU B 227 17.83 -4.13 9.81
C LEU B 227 19.17 -3.81 10.51
N TRP B 228 19.90 -4.89 10.87
CA TRP B 228 21.21 -4.83 11.49
C TRP B 228 22.17 -4.11 10.53
N ALA B 229 22.25 -4.58 9.25
CA ALA B 229 23.10 -4.04 8.20
C ALA B 229 22.89 -2.57 7.98
N ILE B 230 21.62 -2.13 8.01
CA ILE B 230 21.17 -0.74 7.85
C ILE B 230 21.96 0.16 8.80
N PHE B 231 21.98 -0.21 10.09
CA PHE B 231 22.63 0.52 11.17
C PHE B 231 24.13 0.24 11.32
N ALA B 232 24.60 -0.92 10.88
CA ALA B 232 26.01 -1.30 10.92
C ALA B 232 26.82 -0.80 9.69
N ASN B 233 26.14 -0.48 8.56
CA ASN B 233 26.69 -0.02 7.27
C ASN B 233 27.73 -0.99 6.70
N LYS B 234 27.55 -2.28 7.01
CA LYS B 234 28.39 -3.40 6.58
C LYS B 234 27.60 -4.70 6.71
N GLU B 235 28.21 -5.79 6.25
CA GLU B 235 27.66 -7.14 6.32
C GLU B 235 28.05 -7.87 7.62
N PRO B 236 27.15 -8.73 8.17
CA PRO B 236 27.47 -9.41 9.44
C PRO B 236 28.54 -10.53 9.36
N TYR B 237 28.95 -11.00 10.53
CA TYR B 237 29.85 -12.13 10.72
C TYR B 237 31.28 -11.94 10.15
N GLU B 238 31.83 -10.72 10.32
CA GLU B 238 33.19 -10.31 9.90
C GLU B 238 34.28 -11.32 10.37
N ASN B 239 34.20 -11.72 11.66
CA ASN B 239 35.15 -12.59 12.34
C ASN B 239 34.98 -14.08 12.04
N ALA B 240 33.94 -14.47 11.26
CA ALA B 240 33.75 -15.88 10.89
C ALA B 240 34.94 -16.21 10.01
N ILE B 241 35.45 -17.45 10.07
CA ILE B 241 36.61 -17.79 9.26
C ILE B 241 36.34 -19.01 8.38
N ALA B 242 35.31 -19.79 8.70
CA ALA B 242 34.98 -20.98 7.93
C ALA B 242 33.49 -21.10 7.73
N GLU B 243 33.04 -21.47 6.50
CA GLU B 243 31.64 -21.64 6.12
C GLU B 243 30.86 -22.57 7.05
N GLN B 244 31.43 -23.71 7.46
CA GLN B 244 30.76 -24.63 8.38
C GLN B 244 30.67 -24.05 9.77
N GLN B 245 31.73 -23.36 10.24
CA GLN B 245 31.75 -22.71 11.55
C GLN B 245 30.57 -21.73 11.61
N LEU B 246 30.36 -20.96 10.52
CA LEU B 246 29.30 -19.99 10.35
C LEU B 246 27.95 -20.66 10.34
N ILE B 247 27.73 -21.68 9.47
CA ILE B 247 26.41 -22.28 9.35
C ILE B 247 26.02 -22.98 10.69
N MET B 248 26.99 -23.56 11.40
CA MET B 248 26.71 -24.22 12.69
C MET B 248 26.36 -23.21 13.78
N ALA B 249 27.17 -22.12 13.88
CA ALA B 249 27.03 -21.04 14.84
C ALA B 249 25.63 -20.43 14.77
N ILE B 250 25.16 -20.15 13.52
CA ILE B 250 23.82 -19.59 13.26
C ILE B 250 22.72 -20.60 13.68
N LYS B 251 22.77 -21.85 13.17
CA LYS B 251 21.82 -22.92 13.52
C LYS B 251 21.77 -23.18 15.04
N SER B 252 22.87 -22.89 15.76
CA SER B 252 22.92 -23.04 17.22
C SER B 252 22.46 -21.77 17.97
N GLY B 253 22.21 -20.66 17.24
CA GLY B 253 21.75 -19.41 17.84
C GLY B 253 22.57 -18.14 17.65
N ASN B 254 23.71 -18.19 16.94
CA ASN B 254 24.52 -16.99 16.66
C ASN B 254 23.79 -16.06 15.73
N ARG B 255 23.84 -14.76 16.06
CA ARG B 255 23.16 -13.74 15.27
C ARG B 255 24.12 -12.61 15.08
N PRO B 256 23.85 -11.57 14.25
CA PRO B 256 24.75 -10.41 14.20
C PRO B 256 25.05 -9.75 15.59
N ASP B 257 26.23 -9.14 15.71
CA ASP B 257 26.69 -8.50 16.94
C ASP B 257 26.09 -7.14 17.05
N VAL B 258 25.22 -6.97 18.01
CA VAL B 258 24.54 -5.69 18.20
C VAL B 258 25.55 -4.60 18.63
N ASP B 259 26.55 -5.00 19.41
CA ASP B 259 27.61 -4.13 19.94
C ASP B 259 28.50 -3.58 18.84
N ASP B 260 28.45 -4.21 17.63
CA ASP B 260 29.20 -3.83 16.43
C ASP B 260 28.58 -2.60 15.76
N ILE B 261 27.29 -2.28 16.07
CA ILE B 261 26.57 -1.11 15.57
C ILE B 261 27.17 0.13 16.28
N THR B 262 28.19 0.73 15.66
CA THR B 262 28.91 1.92 16.17
C THR B 262 27.95 3.12 16.17
N GLU B 263 27.29 3.33 15.00
CA GLU B 263 26.27 4.35 14.69
C GLU B 263 25.08 4.20 15.64
N TYR B 264 24.38 5.33 15.92
CA TYR B 264 23.22 5.28 16.80
C TYR B 264 22.04 4.52 16.18
N CYS B 265 21.47 3.60 16.97
CA CYS B 265 20.30 2.80 16.62
C CYS B 265 19.29 2.80 17.77
N PRO B 266 18.03 3.26 17.54
CA PRO B 266 17.04 3.25 18.64
C PRO B 266 16.74 1.86 19.20
N ARG B 267 16.63 1.77 20.55
CA ARG B 267 16.34 0.55 21.32
C ARG B 267 15.21 -0.28 20.71
N GLU B 268 14.20 0.44 20.16
CA GLU B 268 12.98 -0.07 19.52
C GLU B 268 13.33 -0.91 18.28
N ILE B 269 14.28 -0.41 17.48
CA ILE B 269 14.77 -1.13 16.31
C ILE B 269 15.61 -2.33 16.74
N ILE B 270 16.46 -2.19 17.78
CA ILE B 270 17.31 -3.27 18.30
C ILE B 270 16.44 -4.43 18.85
N SER B 271 15.27 -4.10 19.40
CA SER B 271 14.37 -5.15 19.89
C SER B 271 13.65 -5.80 18.72
N LEU B 272 13.38 -4.99 17.67
CA LEU B 272 12.68 -5.40 16.46
C LEU B 272 13.43 -6.51 15.70
N MET B 273 14.74 -6.30 15.42
CA MET B 273 15.59 -7.31 14.78
C MET B 273 15.74 -8.55 15.65
N LYS B 274 15.92 -8.36 16.99
CA LYS B 274 16.07 -9.44 17.97
C LYS B 274 14.87 -10.38 17.99
N LEU B 275 13.69 -9.80 17.72
CA LEU B 275 12.42 -10.50 17.65
C LEU B 275 12.29 -11.23 16.32
N CYS B 276 12.72 -10.56 15.24
CA CYS B 276 12.64 -11.08 13.87
C CYS B 276 13.66 -12.19 13.60
N TRP B 277 14.83 -12.17 14.27
CA TRP B 277 15.82 -13.21 14.04
C TRP B 277 15.76 -14.30 15.12
N GLU B 278 14.54 -14.56 15.58
CA GLU B 278 14.21 -15.57 16.57
C GLU B 278 14.39 -16.94 15.93
N ALA B 279 15.01 -17.87 16.66
CA ALA B 279 15.27 -19.23 16.17
C ALA B 279 14.00 -19.95 15.68
N ASN B 280 12.92 -19.83 16.47
CA ASN B 280 11.64 -20.45 16.14
C ASN B 280 10.85 -19.57 15.17
N PRO B 281 10.47 -20.11 13.99
CA PRO B 281 9.76 -19.30 12.99
C PRO B 281 8.46 -18.73 13.52
N GLU B 282 7.73 -19.55 14.32
CA GLU B 282 6.45 -19.19 14.95
C GLU B 282 6.58 -18.01 15.92
N ALA B 283 7.76 -17.79 16.48
CA ALA B 283 7.98 -16.69 17.41
C ALA B 283 8.14 -15.32 16.74
N ARG B 284 8.36 -15.30 15.40
CA ARG B 284 8.59 -14.09 14.63
C ARG B 284 7.27 -13.39 14.23
N PRO B 285 7.27 -12.04 14.17
CA PRO B 285 6.06 -11.33 13.73
C PRO B 285 5.71 -11.48 12.22
N THR B 286 4.62 -10.85 11.80
CA THR B 286 4.20 -10.84 10.42
C THR B 286 4.57 -9.47 9.94
N PHE B 287 4.66 -9.25 8.62
CA PHE B 287 5.00 -7.91 8.13
C PHE B 287 3.90 -6.88 8.51
N PRO B 288 2.56 -7.19 8.37
CA PRO B 288 1.54 -6.22 8.84
C PRO B 288 1.66 -5.91 10.34
N GLY B 289 2.08 -6.91 11.14
CA GLY B 289 2.34 -6.76 12.57
C GLY B 289 3.49 -5.80 12.82
N ILE B 290 4.61 -5.92 12.03
CA ILE B 290 5.77 -5.05 12.11
C ILE B 290 5.33 -3.65 11.73
N GLU B 291 4.62 -3.51 10.59
CA GLU B 291 4.14 -2.24 10.05
C GLU B 291 3.35 -1.40 11.07
N GLU B 292 2.43 -2.04 11.82
CA GLU B 292 1.61 -1.34 12.80
C GLU B 292 2.41 -0.77 14.00
N LYS B 293 3.49 -1.46 14.44
CA LYS B 293 4.36 -0.96 15.53
C LYS B 293 5.35 0.11 14.98
N PHE B 294 5.98 -0.18 13.82
CA PHE B 294 6.98 0.68 13.22
C PHE B 294 6.42 2.02 12.66
N ARG B 295 5.20 2.02 12.09
CA ARG B 295 4.71 3.27 11.50
C ARG B 295 4.61 4.41 12.51
N PRO B 296 3.94 4.27 13.68
CA PRO B 296 3.88 5.41 14.62
C PRO B 296 5.26 5.85 15.13
N PHE B 297 6.13 4.85 15.40
CA PHE B 297 7.49 5.04 15.87
C PHE B 297 8.29 5.88 14.88
N TYR B 298 8.14 5.58 13.58
CA TYR B 298 8.82 6.33 12.53
C TYR B 298 8.41 7.79 12.60
N LEU B 299 7.11 8.05 12.48
CA LEU B 299 6.49 9.38 12.51
C LEU B 299 6.95 10.25 13.67
N SER B 300 6.72 9.79 14.89
CA SER B 300 7.04 10.51 16.11
C SER B 300 8.53 10.76 16.34
N GLN B 301 9.40 9.72 16.20
CA GLN B 301 10.83 9.83 16.48
C GLN B 301 11.75 10.01 15.27
N LEU B 302 11.64 9.13 14.26
CA LEU B 302 12.53 9.15 13.08
C LEU B 302 12.30 10.34 12.16
N GLU B 303 11.06 10.76 11.97
CA GLU B 303 10.73 11.90 11.14
C GLU B 303 10.06 13.00 12.02
C10 K8K C . -17.70 3.33 11.09
C13 K8K C . -19.67 5.08 12.22
C21 K8K C . -13.81 1.25 7.07
C22 K8K C . -13.05 1.05 5.82
C24 K8K C . -14.58 0.13 4.03
C26 K8K C . -15.39 1.49 2.24
C28 K8K C . -13.95 2.43 3.92
N19 K8K C . -14.69 1.02 9.09
N20 K8K C . -13.83 0.47 8.14
C18 K8K C . -15.17 2.14 8.55
C11 K8K C . -19.13 3.17 10.55
F01 K8K C . -20.18 8.62 12.59
C16 K8K C . -16.13 3.09 9.20
F05 K8K C . -17.40 5.74 14.99
C25 K8K C . -15.34 0.27 2.88
N07 K8K C . -18.13 3.62 13.48
C27 K8K C . -14.70 2.58 2.76
C06 K8K C . -18.83 4.84 13.32
C12 K8K C . -20.17 3.94 11.36
C04 K8K C . -18.31 5.93 14.02
C03 K8K C . -18.79 7.21 13.82
O09 K8K C . -16.94 1.81 12.80
C14 K8K C . -20.17 6.36 12.00
C02 K8K C . -19.72 7.38 12.82
N15 K8K C . -16.74 2.59 10.29
O17 K8K C . -16.32 4.22 8.74
N29 K8K C . -14.63 2.29 7.31
C23 K8K C . -13.88 1.20 4.57
C08 K8K C . -17.56 2.84 12.54
C10 K8K D . 14.57 -8.68 -13.10
C13 K8K D . 17.29 -9.25 -13.66
C21 K8K D . 10.00 -7.74 -9.36
C22 K8K D . 9.20 -7.52 -8.13
C24 K8K D . 8.50 -9.86 -7.49
C26 K8K D . 9.52 -11.05 -5.68
C28 K8K D . 10.21 -8.80 -6.21
N19 K8K D . 10.62 -8.35 -11.39
N20 K8K D . 9.53 -8.09 -10.56
C18 K8K D . 11.71 -8.16 -10.67
C11 K8K D . 14.92 -10.16 -13.21
F01 K8K D . 20.61 -8.60 -12.48
C16 K8K D . 13.14 -8.31 -11.17
F05 K8K D . 17.70 -5.81 -14.84
C25 K8K D . 8.62 -11.01 -6.72
N07 K8K D . 15.82 -7.71 -14.93
C27 K8K D . 10.29 -9.94 -5.41
C06 K8K D . 17.08 -8.05 -14.38
C12 K8K D . 16.33 -10.40 -13.74
C04 K8K D . 17.98 -7.00 -14.28
C03 K8K D . 19.19 -7.16 -13.64
O09 K8K D . 13.55 -7.60 -15.01
C14 K8K D . 18.54 -9.44 -13.06
C02 K8K D . 19.43 -8.40 -13.08
N15 K8K D . 13.27 -8.49 -12.48
O17 K8K D . 14.09 -8.30 -10.37
N29 K8K D . 11.34 -7.83 -9.42
C23 K8K D . 9.28 -8.74 -7.24
C08 K8K D . 14.58 -7.96 -14.44
#